data_7I2P
#
_entry.id   7I2P
#
_cell.length_a   82.382
_cell.length_b   115.921
_cell.length_c   146.426
_cell.angle_alpha   90.00
_cell.angle_beta   90.00
_cell.angle_gamma   90.00
#
_symmetry.space_group_name_H-M   'I 2 2 2'
#
loop_
_entity.id
_entity.type
_entity.pdbx_description
1 polymer 'NS5 RNA-dependent RNA polymerase'
2 non-polymer GLYCEROL
3 non-polymer 'ZINC ION'
4 non-polymer '2-(N-MORPHOLINO)-ETHANESULFONIC ACID'
5 non-polymer 'DIMETHYL SULFOXIDE'
6 non-polymer 'PHOSPHATE ION'
7 non-polymer DI(HYDROXYETHYL)ETHER
8 non-polymer (4-methoxyphenyl)(piperidin-4-yl)methanone
9 non-polymer 'CHLORIDE ION'
10 water water
#
_entity_poly.entity_id   1
_entity_poly.type   'polypeptide(L)'
_entity_poly.pdbx_seq_one_letter_code
;GPGIESETPNLDIIGKRIEKIKQEHETSWHYDQDHPYKTWAYHGSYETKQTGSASSMVNGVVRLLTKPWDIIPMVTQMAM
TDTTPFGQQRVFKEKVDTRTQEPKEGTKKLMKITAEWLWKELGKKKTPRMCTREEFTRKVRSNAALGAIFTDENKWKSAR
EAVEDSGFWELVDKERNLHLEGKCETCVYNMMGKREKKLGEFGKAKGSRAIWYMWLGARFLEFEALGFLNEDHWFSRENS
LSGVEGEGLHKLGYILRDVSKKEGGAMYADDTAGWDTRITLEDLKNEEMVTNHMEGEHKKLAEAIFKLTYQNKVVRVQRP
TPRGTVMDIISRRDQRGSGQVVTYGLNTFTNMEAQLIRQMEGEGVFKSIQHLTVTEEIAVKNWLVRVGRERLSRMAISGD
DCVVKPLDDRFASALTALNDMGKVRKDIQQWEPSRGWNDWTQVPFCSHHFHELIMKDGRVLVVPCRNQDELIGRARISQG
AGWSLRETACLGKSYAQMWSLMYFHRRDLRLAANAICSAVPSHWVPTSRTTWSIHATHEWMTTEDMLTVWNRVWIQENPW
MEDKTPVESWEEIPYLGKREDQWCGSLIGLTSRATWAKNIQTAINQVRSLIGNEEYTDYMPSMKRFRREEEEAGVLW
;
_entity_poly.pdbx_strand_id   A
#
loop_
_chem_comp.id
_chem_comp.type
_chem_comp.name
_chem_comp.formula
CL non-polymer 'CHLORIDE ION' 'Cl -1'
DMS non-polymer 'DIMETHYL SULFOXIDE' 'C2 H6 O S'
GOL non-polymer GLYCEROL 'C3 H8 O3'
MES non-polymer '2-(N-MORPHOLINO)-ETHANESULFONIC ACID' 'C6 H13 N O4 S'
PEG non-polymer DI(HYDROXYETHYL)ETHER 'C4 H10 O3'
PO4 non-polymer 'PHOSPHATE ION' 'O4 P -3'
WKP non-polymer (4-methoxyphenyl)(piperidin-4-yl)methanone 'C13 H17 N O2'
ZN non-polymer 'ZINC ION' 'Zn 2'
#
# COMPACT_ATOMS: atom_id res chain seq x y z
N ASN A 10 17.42 -26.09 -5.52
CA ASN A 10 16.98 -25.76 -6.91
C ASN A 10 15.82 -26.68 -7.29
N LEU A 11 16.05 -27.60 -8.24
CA LEU A 11 15.01 -28.48 -8.84
C LEU A 11 14.46 -29.43 -7.77
N ASP A 12 15.26 -29.73 -6.75
CA ASP A 12 14.83 -30.51 -5.56
C ASP A 12 13.53 -29.90 -5.03
N ILE A 13 13.56 -28.60 -4.71
CA ILE A 13 12.46 -27.85 -4.00
C ILE A 13 11.38 -27.43 -5.01
N ILE A 14 11.76 -27.17 -6.27
CA ILE A 14 10.87 -26.59 -7.31
C ILE A 14 10.46 -27.67 -8.32
N GLY A 15 11.24 -28.76 -8.42
CA GLY A 15 11.03 -29.86 -9.37
C GLY A 15 9.59 -30.35 -9.39
N LYS A 16 9.08 -30.80 -8.24
CA LYS A 16 7.72 -31.36 -8.07
C LYS A 16 6.70 -30.41 -8.72
N ARG A 17 6.78 -29.12 -8.40
CA ARG A 17 5.87 -28.08 -8.98
C ARG A 17 6.05 -28.04 -10.50
N ILE A 18 7.31 -28.07 -10.95
CA ILE A 18 7.69 -27.99 -12.39
C ILE A 18 7.25 -29.28 -13.09
N GLU A 19 7.52 -30.44 -12.49
CA GLU A 19 7.21 -31.77 -13.07
C GLU A 19 5.69 -31.96 -13.15
N LYS A 20 4.92 -31.37 -12.24
CA LYS A 20 3.44 -31.45 -12.23
C LYS A 20 2.87 -30.62 -13.38
N ILE A 21 3.44 -29.45 -13.64
CA ILE A 21 3.00 -28.53 -14.74
C ILE A 21 3.28 -29.21 -16.09
N LYS A 22 4.51 -29.73 -16.27
CA LYS A 22 4.94 -30.46 -17.49
C LYS A 22 3.85 -31.46 -17.90
N GLN A 23 3.29 -32.20 -16.93
CA GLN A 23 2.31 -33.31 -17.15
C GLN A 23 0.90 -32.79 -17.48
N GLU A 24 0.43 -31.65 -16.96
CA GLU A 24 -0.91 -31.10 -17.33
C GLU A 24 -0.87 -30.63 -18.80
N HIS A 25 0.32 -30.43 -19.37
CA HIS A 25 0.53 -29.90 -20.74
C HIS A 25 1.56 -30.77 -21.48
N GLU A 26 1.42 -32.09 -21.41
CA GLU A 26 2.38 -33.02 -22.09
C GLU A 26 2.23 -32.87 -23.59
N THR A 27 1.13 -32.27 -24.03
CA THR A 27 0.86 -32.12 -25.49
C THR A 27 1.30 -30.74 -25.98
N SER A 28 2.20 -30.06 -25.26
CA SER A 28 2.71 -28.75 -25.75
C SER A 28 4.08 -28.42 -25.16
N TRP A 29 4.64 -29.30 -24.32
CA TRP A 29 5.92 -28.95 -23.64
C TRP A 29 7.03 -28.74 -24.67
N HIS A 30 7.87 -27.72 -24.48
CA HIS A 30 9.02 -27.48 -25.39
C HIS A 30 10.09 -26.64 -24.68
N TYR A 31 11.36 -27.00 -24.84
CA TYR A 31 12.47 -26.23 -24.21
C TYR A 31 12.93 -25.13 -25.16
N ASP A 32 12.08 -24.13 -25.40
CA ASP A 32 12.42 -23.02 -26.32
C ASP A 32 13.84 -22.54 -25.99
N GLN A 33 14.65 -22.26 -27.01
CA GLN A 33 16.05 -21.81 -26.78
C GLN A 33 16.16 -20.33 -27.18
N ASP A 34 15.01 -19.68 -27.43
CA ASP A 34 15.02 -18.22 -27.73
C ASP A 34 14.44 -17.49 -26.52
N HIS A 35 14.27 -18.19 -25.39
CA HIS A 35 13.67 -17.58 -24.18
C HIS A 35 14.43 -16.31 -23.79
N PRO A 36 13.75 -15.20 -23.46
CA PRO A 36 14.42 -13.95 -23.15
C PRO A 36 14.81 -13.82 -21.69
N TYR A 37 15.39 -14.86 -21.09
CA TYR A 37 15.67 -14.82 -19.64
C TYR A 37 17.16 -15.03 -19.35
N LYS A 38 17.79 -14.06 -18.68
CA LYS A 38 19.21 -14.22 -18.26
C LYS A 38 19.26 -14.48 -16.75
N THR A 39 18.62 -13.61 -15.95
CA THR A 39 18.65 -13.66 -14.46
C THR A 39 17.61 -14.61 -13.86
N TRP A 40 16.50 -14.91 -14.56
CA TRP A 40 15.56 -15.99 -14.18
C TRP A 40 16.03 -17.31 -14.78
N ALA A 41 15.93 -18.39 -14.02
CA ALA A 41 16.19 -19.74 -14.59
C ALA A 41 14.97 -20.17 -15.39
N TYR A 42 15.17 -20.57 -16.65
CA TYR A 42 14.05 -21.01 -17.53
C TYR A 42 13.94 -22.52 -17.46
N HIS A 43 12.73 -23.05 -17.60
CA HIS A 43 12.54 -24.51 -17.44
C HIS A 43 11.83 -25.07 -18.68
N GLY A 44 10.86 -24.33 -19.21
CA GLY A 44 10.11 -24.85 -20.37
C GLY A 44 8.94 -23.98 -20.73
N SER A 45 8.22 -24.34 -21.80
CA SER A 45 7.05 -23.55 -22.25
C SER A 45 5.93 -24.51 -22.66
N TYR A 46 4.74 -23.97 -22.92
CA TYR A 46 3.58 -24.82 -23.30
C TYR A 46 2.49 -23.93 -23.93
N GLU A 47 1.64 -24.51 -24.75
CA GLU A 47 0.60 -23.73 -25.49
C GLU A 47 -0.32 -22.97 -24.51
N THR A 48 -0.63 -21.72 -24.83
CA THR A 48 -1.54 -20.88 -24.00
C THR A 48 -2.07 -19.77 -24.90
N LYS A 49 -3.24 -19.22 -24.58
CA LYS A 49 -3.79 -18.07 -25.36
C LYS A 49 -4.88 -17.39 -24.52
N GLN A 50 -4.80 -16.06 -24.38
CA GLN A 50 -5.80 -15.31 -23.59
C GLN A 50 -5.29 -13.89 -23.39
N THR A 51 -5.94 -13.11 -22.51
CA THR A 51 -5.48 -11.74 -22.22
C THR A 51 -4.06 -11.81 -21.67
N SER A 55 -8.45 -3.55 -18.97
CA SER A 55 -8.13 -2.10 -19.05
C SER A 55 -9.09 -1.30 -18.16
N SER A 56 -8.81 -0.01 -17.97
CA SER A 56 -9.50 0.90 -17.02
C SER A 56 -10.67 1.61 -17.71
N MET A 57 -11.89 1.42 -17.19
CA MET A 57 -13.17 2.00 -17.70
C MET A 57 -13.48 3.32 -16.99
N VAL A 58 -14.18 4.26 -17.63
CA VAL A 58 -14.54 5.56 -17.00
C VAL A 58 -15.83 5.43 -16.20
N ASN A 59 -15.83 6.02 -15.00
CA ASN A 59 -17.02 6.20 -14.16
C ASN A 59 -17.83 7.39 -14.69
N GLY A 60 -18.95 7.12 -15.34
CA GLY A 60 -19.80 8.13 -15.96
C GLY A 60 -20.43 9.09 -14.97
N VAL A 61 -20.77 8.62 -13.79
CA VAL A 61 -21.41 9.49 -12.77
C VAL A 61 -20.41 10.55 -12.36
N VAL A 62 -19.16 10.17 -12.07
CA VAL A 62 -18.13 11.15 -11.61
C VAL A 62 -17.78 12.09 -12.79
N ARG A 63 -17.62 11.53 -13.97
CA ARG A 63 -17.24 12.36 -15.13
C ARG A 63 -18.32 13.41 -15.45
N LEU A 64 -19.61 13.06 -15.47
CA LEU A 64 -20.68 14.03 -15.79
C LEU A 64 -20.69 15.14 -14.74
N LEU A 65 -20.22 14.88 -13.52
CA LEU A 65 -20.27 15.92 -12.45
C LEU A 65 -18.93 16.67 -12.30
N THR A 66 -17.97 16.42 -13.19
CA THR A 66 -16.64 17.10 -13.16
C THR A 66 -16.31 17.60 -14.58
N LYS A 67 -17.26 18.25 -15.22
CA LYS A 67 -17.15 18.63 -16.65
C LYS A 67 -15.92 19.50 -16.91
N PRO A 68 -15.54 20.46 -16.08
CA PRO A 68 -14.38 21.30 -16.41
C PRO A 68 -13.09 20.51 -16.65
N TRP A 69 -13.03 19.30 -16.09
CA TRP A 69 -11.81 18.47 -16.12
C TRP A 69 -11.79 17.69 -17.42
N ASP A 70 -12.85 17.73 -18.21
CA ASP A 70 -12.88 17.01 -19.51
C ASP A 70 -11.80 17.55 -20.47
N ILE A 71 -11.24 18.73 -20.24
CA ILE A 71 -10.28 19.37 -21.16
C ILE A 71 -8.90 19.50 -20.47
N ILE A 72 -8.67 18.85 -19.32
CA ILE A 72 -7.38 18.87 -18.59
C ILE A 72 -6.66 17.56 -18.87
N PRO A 73 -5.60 17.58 -19.72
CA PRO A 73 -4.92 16.34 -20.09
C PRO A 73 -4.42 15.50 -18.92
N MET A 74 -3.98 16.13 -17.84
CA MET A 74 -3.45 15.36 -16.68
C MET A 74 -4.59 14.49 -16.12
N VAL A 75 -5.84 14.95 -16.22
CA VAL A 75 -7.01 14.12 -15.81
C VAL A 75 -7.34 13.09 -16.86
N THR A 76 -7.54 13.49 -18.11
CA THR A 76 -8.14 12.67 -19.16
C THR A 76 -7.15 11.60 -19.63
N GLN A 77 -5.86 11.86 -19.58
CA GLN A 77 -4.82 10.87 -19.99
C GLN A 77 -4.72 9.70 -19.00
N MET A 78 -5.11 9.91 -17.75
CA MET A 78 -5.01 8.86 -16.70
C MET A 78 -5.91 7.67 -17.04
N ALA A 79 -6.99 7.89 -17.79
CA ALA A 79 -7.96 6.82 -18.08
C ALA A 79 -7.56 6.03 -19.33
N MET A 80 -6.53 6.49 -20.02
CA MET A 80 -6.09 5.83 -21.26
C MET A 80 -5.08 4.75 -20.90
N THR A 81 -5.27 3.54 -21.42
CA THR A 81 -4.29 2.46 -21.18
C THR A 81 -4.49 1.29 -22.13
N LYS A 93 9.42 -4.24 -18.86
CA LYS A 93 9.68 -4.51 -17.43
C LYS A 93 11.11 -5.04 -17.27
N GLU A 94 12.11 -4.22 -17.63
CA GLU A 94 13.53 -4.63 -17.46
C GLU A 94 13.79 -4.88 -15.97
N LYS A 95 13.11 -4.15 -15.09
CA LYS A 95 13.38 -4.25 -13.63
C LYS A 95 13.33 -5.71 -13.18
N VAL A 96 12.29 -6.45 -13.58
CA VAL A 96 12.16 -7.85 -13.07
C VAL A 96 13.39 -8.66 -13.51
N ASP A 97 13.81 -8.52 -14.76
CA ASP A 97 14.93 -9.36 -15.24
C ASP A 97 16.24 -8.68 -14.83
N THR A 98 16.47 -8.51 -13.53
CA THR A 98 17.75 -7.93 -13.02
C THR A 98 18.26 -8.82 -11.88
N ARG A 99 19.55 -8.77 -11.59
CA ARG A 99 20.09 -9.56 -10.44
C ARG A 99 20.87 -8.64 -9.49
N THR A 100 20.54 -8.69 -8.20
CA THR A 100 21.25 -7.85 -7.20
C THR A 100 22.47 -8.61 -6.67
N GLN A 101 23.60 -7.92 -6.51
CA GLN A 101 24.84 -8.54 -6.00
C GLN A 101 24.66 -8.91 -4.51
N GLU A 102 25.38 -9.93 -4.03
CA GLU A 102 25.34 -10.31 -2.59
C GLU A 102 26.06 -9.21 -1.79
N PRO A 103 25.45 -8.65 -0.72
CA PRO A 103 26.12 -7.65 0.11
C PRO A 103 27.45 -8.16 0.68
N LYS A 104 28.32 -7.24 1.10
CA LYS A 104 29.60 -7.52 1.80
C LYS A 104 29.33 -8.10 3.19
N GLU A 105 30.36 -8.71 3.79
CA GLU A 105 30.23 -9.45 5.08
C GLU A 105 29.84 -8.49 6.20
N GLY A 106 30.38 -7.27 6.19
CA GLY A 106 30.04 -6.26 7.22
C GLY A 106 28.56 -5.88 7.10
N THR A 107 28.10 -5.58 5.89
CA THR A 107 26.67 -5.34 5.54
C THR A 107 25.78 -6.50 6.04
N LYS A 108 26.04 -7.73 5.60
CA LYS A 108 25.35 -8.97 6.12
C LYS A 108 25.30 -9.02 7.65
N LYS A 109 26.38 -8.73 8.36
CA LYS A 109 26.39 -8.77 9.84
C LYS A 109 25.47 -7.70 10.45
N LEU A 110 25.46 -6.47 9.87
CA LEU A 110 24.66 -5.32 10.35
C LEU A 110 23.18 -5.70 10.23
N MET A 111 22.81 -6.29 9.12
CA MET A 111 21.43 -6.67 8.77
C MET A 111 20.91 -7.78 9.70
N LYS A 112 21.70 -8.81 9.96
CA LYS A 112 21.28 -9.94 10.83
C LYS A 112 21.14 -9.46 12.27
N ILE A 113 22.11 -8.68 12.75
CA ILE A 113 22.03 -8.15 14.14
C ILE A 113 20.78 -7.28 14.26
N THR A 114 20.56 -6.38 13.28
CA THR A 114 19.43 -5.40 13.35
C THR A 114 18.11 -6.15 13.25
N ALA A 115 18.04 -7.13 12.33
CA ALA A 115 16.81 -7.92 12.09
C ALA A 115 16.47 -8.72 13.35
N GLU A 116 17.50 -9.29 13.98
CA GLU A 116 17.32 -10.14 15.20
C GLU A 116 16.71 -9.24 16.26
N TRP A 117 17.31 -8.08 16.50
CA TRP A 117 16.84 -7.10 17.50
C TRP A 117 15.42 -6.61 17.13
N LEU A 118 15.12 -6.42 15.84
CA LEU A 118 13.85 -5.75 15.44
C LEU A 118 12.65 -6.72 15.64
N TRP A 119 12.79 -7.99 15.22
CA TRP A 119 11.80 -9.05 15.51
C TRP A 119 11.53 -9.18 17.01
N LYS A 120 12.58 -9.09 17.85
CA LYS A 120 12.43 -9.17 19.32
C LYS A 120 11.63 -7.96 19.81
N GLU A 121 11.91 -6.76 19.30
CA GLU A 121 11.16 -5.56 19.73
C GLU A 121 9.71 -5.68 19.30
N LEU A 122 9.45 -6.18 18.08
CA LEU A 122 8.07 -6.20 17.51
C LEU A 122 7.27 -7.26 18.29
N GLY A 123 7.97 -8.28 18.74
CA GLY A 123 7.41 -9.44 19.46
C GLY A 123 7.19 -9.17 20.94
N LYS A 124 7.71 -8.10 21.52
CA LYS A 124 7.64 -7.92 22.98
C LYS A 124 6.19 -7.90 23.47
N LYS A 125 5.26 -7.30 22.75
CA LYS A 125 3.85 -7.19 23.20
C LYS A 125 2.90 -7.89 22.21
N LYS A 126 3.38 -8.82 21.41
CA LYS A 126 2.51 -9.50 20.43
C LYS A 126 2.82 -10.98 20.51
N THR A 127 1.83 -11.83 20.21
CA THR A 127 2.04 -13.30 20.15
C THR A 127 1.79 -13.78 18.73
N PRO A 128 2.77 -14.33 18.01
CA PRO A 128 2.49 -14.90 16.70
C PRO A 128 1.41 -16.00 16.84
N ARG A 129 0.59 -16.16 15.82
CA ARG A 129 -0.53 -17.14 15.87
C ARG A 129 -0.96 -17.46 14.45
N MET A 130 -1.58 -18.64 14.25
CA MET A 130 -2.13 -19.03 12.94
C MET A 130 -3.44 -18.27 12.72
N CYS A 131 -3.66 -17.85 11.48
CA CYS A 131 -4.95 -17.28 11.04
C CYS A 131 -5.81 -18.47 10.55
N THR A 132 -7.12 -18.35 10.60
CA THR A 132 -8.03 -19.53 10.46
C THR A 132 -8.83 -19.47 9.14
N ARG A 133 -9.30 -20.64 8.69
CA ARG A 133 -10.25 -20.80 7.56
C ARG A 133 -11.42 -19.82 7.77
N GLU A 134 -11.98 -19.82 8.98
CA GLU A 134 -13.09 -18.91 9.38
C GLU A 134 -12.70 -17.47 9.06
N GLU A 135 -11.53 -17.01 9.52
CA GLU A 135 -11.05 -15.62 9.26
C GLU A 135 -10.87 -15.38 7.75
N PHE A 136 -10.28 -16.35 7.04
CA PHE A 136 -10.04 -16.29 5.58
C PHE A 136 -11.38 -16.24 4.81
N THR A 137 -12.36 -17.02 5.27
CA THR A 137 -13.73 -17.14 4.69
C THR A 137 -14.46 -15.79 4.79
N ARG A 138 -14.39 -15.12 5.94
CA ARG A 138 -15.05 -13.80 6.15
C ARG A 138 -14.41 -12.73 5.26
N LYS A 139 -13.09 -12.83 5.02
CA LYS A 139 -12.33 -11.84 4.21
C LYS A 139 -12.78 -11.91 2.75
N VAL A 140 -13.01 -13.12 2.22
CA VAL A 140 -13.44 -13.30 0.80
C VAL A 140 -14.88 -12.79 0.63
N ARG A 141 -15.73 -13.01 1.64
CA ARG A 141 -17.15 -12.56 1.58
C ARG A 141 -17.18 -11.04 1.62
N SER A 142 -16.42 -10.44 2.53
CA SER A 142 -16.33 -8.95 2.60
C SER A 142 -15.62 -8.45 1.34
N ASN A 143 -15.05 -9.37 0.55
CA ASN A 143 -14.35 -8.99 -0.72
C ASN A 143 -13.08 -8.21 -0.39
N ALA A 144 -11.93 -8.73 -0.80
CA ALA A 144 -10.65 -8.02 -0.59
C ALA A 144 -9.65 -8.49 -1.64
N ALA A 145 -8.73 -7.62 -2.06
CA ALA A 145 -7.76 -8.00 -3.10
C ALA A 145 -6.83 -9.07 -2.54
N LEU A 146 -7.00 -10.32 -2.96
CA LEU A 146 -6.19 -11.42 -2.40
C LEU A 146 -5.18 -11.90 -3.44
N GLY A 147 -5.06 -11.17 -4.56
CA GLY A 147 -4.10 -11.57 -5.63
C GLY A 147 -4.28 -13.04 -5.98
N ALA A 148 -5.52 -13.48 -6.17
CA ALA A 148 -5.79 -14.90 -6.43
C ALA A 148 -6.13 -15.13 -7.90
N ILE A 149 -6.15 -16.39 -8.35
CA ILE A 149 -6.48 -16.71 -9.77
C ILE A 149 -7.80 -17.48 -9.79
N ASN A 154 -10.23 -25.39 -13.42
CA ASN A 154 -10.92 -24.46 -12.49
C ASN A 154 -12.27 -25.06 -12.08
N LYS A 155 -12.28 -25.88 -11.03
CA LYS A 155 -13.49 -26.57 -10.52
C LYS A 155 -14.53 -25.54 -10.06
N TRP A 156 -14.07 -24.37 -9.62
CA TRP A 156 -14.92 -23.25 -9.12
C TRP A 156 -14.69 -22.00 -9.98
N LYS A 157 -15.51 -20.96 -9.79
CA LYS A 157 -15.48 -19.70 -10.60
C LYS A 157 -14.92 -18.55 -9.75
N SER A 158 -15.73 -18.03 -8.82
CA SER A 158 -15.37 -16.90 -7.93
C SER A 158 -14.64 -17.42 -6.69
N ALA A 159 -14.10 -16.51 -5.88
CA ALA A 159 -13.39 -16.84 -4.63
C ALA A 159 -14.38 -17.35 -3.56
N ARG A 160 -15.54 -16.70 -3.45
CA ARG A 160 -16.58 -16.99 -2.43
C ARG A 160 -17.09 -18.43 -2.58
N GLU A 161 -17.39 -18.86 -3.82
CA GLU A 161 -17.91 -20.24 -4.10
C GLU A 161 -16.92 -21.32 -3.67
N ALA A 162 -15.61 -21.14 -3.94
CA ALA A 162 -14.54 -22.11 -3.61
C ALA A 162 -14.44 -22.33 -2.08
N VAL A 163 -14.65 -21.27 -1.31
CA VAL A 163 -14.55 -21.26 0.19
C VAL A 163 -15.68 -22.12 0.78
N GLU A 164 -16.81 -22.23 0.08
CA GLU A 164 -17.99 -23.04 0.51
C GLU A 164 -17.81 -24.56 0.23
N ASP A 165 -16.95 -24.90 -0.73
CA ASP A 165 -16.76 -26.29 -1.25
C ASP A 165 -15.62 -26.99 -0.50
N SER A 166 -15.96 -28.03 0.27
CA SER A 166 -15.04 -28.79 1.16
C SER A 166 -13.98 -29.52 0.34
N GLY A 167 -14.21 -29.68 -0.97
CA GLY A 167 -13.22 -30.26 -1.90
C GLY A 167 -11.95 -29.41 -1.92
N PHE A 168 -12.11 -28.11 -2.14
CA PHE A 168 -11.04 -27.09 -2.08
C PHE A 168 -10.20 -27.32 -0.82
N TRP A 169 -10.85 -27.29 0.35
CA TRP A 169 -10.18 -27.43 1.68
C TRP A 169 -9.43 -28.76 1.76
N GLU A 170 -9.93 -29.80 1.10
CA GLU A 170 -9.24 -31.11 1.01
C GLU A 170 -7.94 -30.92 0.21
N LEU A 171 -8.00 -30.14 -0.86
CA LEU A 171 -6.83 -29.76 -1.70
C LEU A 171 -5.83 -29.01 -0.81
N VAL A 172 -6.32 -28.03 -0.04
CA VAL A 172 -5.52 -27.23 0.94
C VAL A 172 -4.79 -28.19 1.89
N ASP A 173 -5.52 -29.18 2.43
CA ASP A 173 -4.99 -30.18 3.40
C ASP A 173 -3.80 -30.90 2.74
N LYS A 174 -3.94 -31.31 1.48
CA LYS A 174 -2.90 -32.08 0.76
C LYS A 174 -1.62 -31.25 0.74
N GLU A 175 -1.70 -30.00 0.25
CA GLU A 175 -0.53 -29.08 0.15
C GLU A 175 0.03 -28.84 1.56
N ARG A 176 -0.86 -28.59 2.53
CA ARG A 176 -0.49 -28.31 3.94
C ARG A 176 0.37 -29.43 4.49
N ASN A 177 -0.10 -30.68 4.40
CA ASN A 177 0.61 -31.88 4.90
C ASN A 177 1.93 -32.02 4.12
N LEU A 178 1.92 -31.68 2.83
CA LEU A 178 3.14 -31.62 1.97
C LEU A 178 4.12 -30.59 2.53
N HIS A 179 3.64 -29.39 2.89
CA HIS A 179 4.49 -28.32 3.52
C HIS A 179 5.16 -28.86 4.80
N LEU A 180 4.40 -29.55 5.68
CA LEU A 180 4.94 -30.22 6.91
C LEU A 180 6.06 -31.22 6.53
N GLU A 181 6.00 -31.87 5.37
CA GLU A 181 7.09 -32.79 4.91
C GLU A 181 8.31 -31.98 4.41
N GLY A 182 8.19 -30.66 4.24
CA GLY A 182 9.22 -29.80 3.63
C GLY A 182 9.16 -29.84 2.11
N LYS A 183 7.99 -30.04 1.54
CA LYS A 183 7.78 -30.18 0.07
C LYS A 183 6.60 -29.31 -0.40
N CYS A 184 6.55 -28.98 -1.69
CA CYS A 184 5.51 -28.11 -2.30
C CYS A 184 5.11 -28.65 -3.68
N GLU A 185 3.84 -28.51 -4.05
CA GLU A 185 3.27 -29.03 -5.34
C GLU A 185 2.52 -27.99 -6.18
N THR A 186 1.73 -27.11 -5.55
CA THR A 186 0.72 -26.24 -6.22
C THR A 186 1.03 -24.74 -6.02
N CYS A 187 1.98 -24.38 -5.15
CA CYS A 187 2.27 -22.95 -4.80
C CYS A 187 3.13 -22.30 -5.90
N VAL A 188 2.45 -21.87 -6.96
CA VAL A 188 3.05 -21.30 -8.21
C VAL A 188 2.52 -19.88 -8.45
N TYR A 189 3.40 -18.95 -8.80
CA TYR A 189 3.06 -17.54 -9.07
C TYR A 189 2.68 -17.38 -10.55
N ASN A 190 1.70 -16.49 -10.81
CA ASN A 190 1.17 -16.19 -12.17
C ASN A 190 1.37 -14.70 -12.48
N MET A 191 2.57 -14.32 -12.93
CA MET A 191 2.92 -12.93 -13.31
C MET A 191 1.96 -12.46 -14.41
N MET A 192 1.53 -11.19 -14.33
CA MET A 192 0.53 -10.58 -15.26
C MET A 192 0.69 -9.06 -15.25
N ILE A 211 2.83 -7.72 -10.54
CA ILE A 211 1.82 -8.33 -9.62
C ILE A 211 1.86 -9.84 -9.79
N TRP A 212 2.05 -10.58 -8.70
CA TRP A 212 2.14 -12.06 -8.77
C TRP A 212 0.87 -12.66 -8.16
N TYR A 213 0.00 -13.23 -9.00
CA TYR A 213 -1.24 -13.86 -8.50
C TYR A 213 -0.98 -15.33 -8.16
N MET A 214 -1.80 -15.90 -7.27
CA MET A 214 -1.65 -17.33 -6.89
C MET A 214 -3.05 -17.93 -6.74
N TRP A 215 -3.16 -19.25 -6.79
CA TRP A 215 -4.48 -19.90 -6.57
C TRP A 215 -4.91 -19.70 -5.10
N LEU A 216 -6.21 -19.67 -4.86
CA LEU A 216 -6.81 -19.25 -3.58
C LEU A 216 -6.20 -20.09 -2.45
N GLY A 217 -5.93 -21.38 -2.69
CA GLY A 217 -5.41 -22.32 -1.69
C GLY A 217 -4.03 -21.91 -1.21
N ALA A 218 -3.16 -21.51 -2.14
CA ALA A 218 -1.78 -21.08 -1.85
C ALA A 218 -1.81 -19.79 -1.00
N ARG A 219 -2.72 -18.87 -1.36
CA ARG A 219 -3.03 -17.61 -0.61
C ARG A 219 -3.51 -17.94 0.80
N PHE A 220 -4.34 -18.98 0.97
CA PHE A 220 -4.80 -19.41 2.30
C PHE A 220 -3.59 -19.78 3.15
N LEU A 221 -2.72 -20.60 2.59
CA LEU A 221 -1.58 -21.18 3.33
C LEU A 221 -0.63 -20.05 3.72
N GLU A 222 -0.50 -19.03 2.87
CA GLU A 222 0.34 -17.85 3.21
C GLU A 222 -0.35 -17.09 4.34
N PHE A 223 -1.67 -16.85 4.26
CA PHE A 223 -2.48 -16.10 5.27
C PHE A 223 -2.50 -16.84 6.61
N GLU A 224 -2.56 -18.17 6.57
CA GLU A 224 -2.55 -19.04 7.78
C GLU A 224 -1.25 -18.80 8.58
N ALA A 225 -0.13 -18.75 7.87
CA ALA A 225 1.22 -18.75 8.47
C ALA A 225 1.64 -17.33 8.85
N LEU A 226 1.27 -16.32 8.04
CA LEU A 226 1.88 -14.97 8.14
C LEU A 226 0.83 -13.87 8.23
N GLY A 227 -0.47 -14.18 8.17
CA GLY A 227 -1.56 -13.19 8.26
C GLY A 227 -1.55 -12.43 9.58
N PHE A 228 -1.03 -13.04 10.64
CA PHE A 228 -0.97 -12.40 11.97
C PHE A 228 -0.30 -11.02 11.86
N LEU A 229 0.76 -10.88 11.06
CA LEU A 229 1.51 -9.59 10.95
C LEU A 229 0.54 -8.43 10.69
N ASN A 230 -0.40 -8.63 9.78
CA ASN A 230 -1.38 -7.59 9.40
C ASN A 230 -2.60 -7.67 10.31
N GLU A 231 -3.14 -8.89 10.51
CA GLU A 231 -4.40 -9.06 11.28
C GLU A 231 -4.20 -8.54 12.72
N ASP A 232 -3.01 -8.71 13.31
CA ASP A 232 -2.76 -8.29 14.72
C ASP A 232 -1.87 -7.02 14.78
N HIS A 233 -1.73 -6.27 13.69
CA HIS A 233 -1.19 -4.87 13.72
C HIS A 233 0.23 -4.84 14.30
N TRP A 234 1.10 -5.71 13.81
CA TRP A 234 2.54 -5.75 14.18
C TRP A 234 3.22 -4.43 13.77
N PHE A 235 2.72 -3.80 12.72
CA PHE A 235 3.34 -2.56 12.18
C PHE A 235 2.53 -1.31 12.49
N SER A 236 1.63 -1.39 13.49
CA SER A 236 0.99 -0.21 14.12
C SER A 236 2.07 0.74 14.61
N ARG A 237 1.78 2.05 14.72
CA ARG A 237 2.74 3.00 15.31
C ARG A 237 2.99 2.60 16.79
N GLU A 238 1.95 2.24 17.53
CA GLU A 238 2.07 1.86 18.97
C GLU A 238 3.06 0.71 19.13
N ASN A 239 2.93 -0.33 18.34
CA ASN A 239 3.79 -1.51 18.48
C ASN A 239 5.19 -1.34 17.87
N SER A 240 5.34 -0.71 16.69
CA SER A 240 6.62 -0.75 15.90
C SER A 240 7.40 0.58 15.97
N LEU A 241 6.77 1.67 16.40
CA LEU A 241 7.30 3.03 16.63
C LEU A 241 7.54 3.78 15.29
N SER A 242 8.06 3.10 14.27
CA SER A 242 8.24 3.69 12.90
C SER A 242 6.99 3.48 12.07
N GLY A 243 6.27 2.40 12.31
CA GLY A 243 5.19 1.99 11.39
C GLY A 243 3.97 2.89 11.48
N VAL A 244 3.09 2.79 10.48
CA VAL A 244 1.83 3.56 10.38
C VAL A 244 0.70 2.62 9.94
N GLU A 245 0.82 1.31 10.11
CA GLU A 245 -0.26 0.42 9.59
C GLU A 245 -1.57 0.68 10.36
N GLY A 246 -2.66 0.93 9.64
CA GLY A 246 -3.97 1.14 10.27
C GLY A 246 -4.16 2.54 10.84
N GLU A 247 -3.22 3.46 10.57
CA GLU A 247 -3.30 4.80 11.19
C GLU A 247 -4.38 5.64 10.49
N GLY A 248 -4.37 5.69 9.17
CA GLY A 248 -5.34 6.52 8.43
C GLY A 248 -4.67 7.74 7.82
N LEU A 249 -5.23 8.24 6.71
N LEU A 249 -5.21 8.24 6.71
CA LEU A 249 -4.64 9.42 6.03
CA LEU A 249 -4.64 9.43 6.02
C LEU A 249 -4.89 10.67 6.87
C LEU A 249 -4.86 10.67 6.89
N HIS A 250 -5.87 10.61 7.77
CA HIS A 250 -6.18 11.77 8.65
C HIS A 250 -5.22 11.81 9.84
N LYS A 251 -4.34 10.82 9.95
CA LYS A 251 -3.39 10.76 11.10
C LYS A 251 -1.95 10.91 10.59
N LEU A 252 -1.71 10.63 9.31
CA LEU A 252 -0.31 10.65 8.77
C LEU A 252 0.32 12.01 8.99
N GLY A 253 -0.45 13.09 8.72
CA GLY A 253 0.12 14.45 8.83
C GLY A 253 0.52 14.76 10.26
N TYR A 254 -0.34 14.41 11.21
CA TYR A 254 -0.07 14.61 12.63
C TYR A 254 1.19 13.81 13.01
N ILE A 255 1.34 12.60 12.48
CA ILE A 255 2.49 11.73 12.79
C ILE A 255 3.76 12.40 12.25
N LEU A 256 3.73 12.91 11.02
CA LEU A 256 4.91 13.63 10.48
C LEU A 256 5.20 14.87 11.31
N ARG A 257 4.17 15.61 11.72
CA ARG A 257 4.39 16.82 12.58
C ARG A 257 5.04 16.42 13.91
N ASP A 258 4.68 15.26 14.48
CA ASP A 258 5.31 14.77 15.75
C ASP A 258 6.80 14.44 15.50
N VAL A 259 7.13 13.81 14.40
CA VAL A 259 8.56 13.52 14.05
C VAL A 259 9.32 14.84 13.93
N SER A 260 8.72 15.88 13.35
CA SER A 260 9.34 17.21 13.14
C SER A 260 9.70 17.85 14.50
N LYS A 261 8.99 17.54 15.57
CA LYS A 261 9.22 18.16 16.90
C LYS A 261 10.49 17.63 17.59
N LYS A 262 11.02 16.49 17.15
CA LYS A 262 12.30 15.93 17.64
C LYS A 262 13.44 16.85 17.26
N GLU A 263 14.47 16.91 18.09
CA GLU A 263 15.69 17.65 17.72
C GLU A 263 16.37 16.81 16.66
N GLY A 264 16.87 17.43 15.59
CA GLY A 264 17.71 16.73 14.62
C GLY A 264 17.90 17.52 13.36
N GLY A 265 18.29 16.87 12.27
CA GLY A 265 18.51 17.59 11.01
C GLY A 265 17.24 17.68 10.17
N ALA A 266 17.42 17.72 8.86
CA ALA A 266 16.37 17.79 7.86
C ALA A 266 15.54 16.50 7.94
N MET A 267 14.38 16.48 7.31
CA MET A 267 13.62 15.24 7.07
C MET A 267 14.01 14.67 5.69
N TYR A 268 14.33 13.39 5.62
CA TYR A 268 14.79 12.71 4.40
C TYR A 268 13.67 11.78 3.96
N ALA A 269 13.40 11.79 2.66
CA ALA A 269 12.33 10.96 2.08
C ALA A 269 12.83 10.48 0.74
N ASP A 270 13.80 9.59 0.78
CA ASP A 270 14.38 8.99 -0.43
C ASP A 270 13.53 7.79 -0.83
N ASP A 271 13.00 7.80 -2.06
CA ASP A 271 12.31 6.63 -2.68
C ASP A 271 13.37 5.67 -3.21
N THR A 272 13.11 4.37 -3.15
CA THR A 272 14.00 3.33 -3.71
C THR A 272 13.52 3.07 -5.12
N ALA A 273 14.46 2.82 -6.03
CA ALA A 273 14.18 2.41 -7.43
C ALA A 273 13.77 0.93 -7.46
N GLY A 274 12.50 0.64 -7.75
CA GLY A 274 11.92 -0.71 -7.83
C GLY A 274 12.23 -1.56 -6.60
N TRP A 275 11.74 -1.13 -5.43
CA TRP A 275 12.00 -1.82 -4.12
C TRP A 275 11.89 -3.36 -4.17
N ASP A 276 10.81 -3.91 -4.71
CA ASP A 276 10.56 -5.39 -4.69
C ASP A 276 11.70 -6.11 -5.42
N THR A 277 12.18 -5.57 -6.55
CA THR A 277 13.26 -6.20 -7.36
C THR A 277 14.59 -6.19 -6.60
N ARG A 278 14.75 -5.29 -5.61
CA ARG A 278 16.04 -5.06 -4.90
C ARG A 278 16.08 -5.86 -3.59
N ILE A 279 15.06 -6.69 -3.33
CA ILE A 279 15.02 -7.56 -2.12
C ILE A 279 15.95 -8.76 -2.37
N THR A 280 16.98 -8.92 -1.55
CA THR A 280 18.07 -9.93 -1.73
C THR A 280 17.67 -11.19 -0.98
N LEU A 281 18.35 -12.30 -1.25
CA LEU A 281 18.11 -13.56 -0.49
C LEU A 281 18.50 -13.29 0.96
N GLU A 282 19.46 -12.40 1.21
CA GLU A 282 19.88 -12.04 2.59
C GLU A 282 18.70 -11.36 3.33
N ASP A 283 18.01 -10.46 2.64
CA ASP A 283 16.75 -9.83 3.15
C ASP A 283 15.72 -10.94 3.47
N LEU A 284 15.46 -11.85 2.53
CA LEU A 284 14.45 -12.94 2.71
C LEU A 284 14.79 -13.84 3.92
N LYS A 285 16.07 -14.06 4.21
CA LYS A 285 16.56 -14.85 5.37
C LYS A 285 16.37 -14.07 6.66
N ASN A 286 16.63 -12.77 6.69
CA ASN A 286 16.39 -11.96 7.91
C ASN A 286 14.89 -11.84 8.22
N GLU A 287 14.04 -11.77 7.20
CA GLU A 287 12.56 -11.77 7.31
C GLU A 287 12.09 -13.11 7.93
N GLU A 288 12.67 -14.22 7.48
CA GLU A 288 12.36 -15.61 7.93
C GLU A 288 12.58 -15.75 9.45
N MET A 289 13.43 -14.90 10.04
CA MET A 289 13.74 -14.99 11.50
C MET A 289 12.51 -14.70 12.35
N VAL A 290 11.42 -14.20 11.76
CA VAL A 290 10.16 -14.12 12.56
C VAL A 290 9.77 -15.53 13.04
N THR A 291 10.08 -16.61 12.32
CA THR A 291 9.77 -18.02 12.72
C THR A 291 10.44 -18.39 14.04
N ASN A 292 11.53 -17.73 14.41
CA ASN A 292 12.22 -17.97 15.71
C ASN A 292 11.32 -17.58 16.88
N HIS A 293 10.23 -16.84 16.66
CA HIS A 293 9.32 -16.37 17.74
C HIS A 293 8.09 -17.26 17.78
N MET A 294 8.08 -18.27 16.94
CA MET A 294 6.91 -19.13 16.69
C MET A 294 7.15 -20.49 17.38
N GLU A 295 6.16 -21.35 17.31
CA GLU A 295 6.26 -22.68 17.96
C GLU A 295 5.36 -23.68 17.25
N GLY A 296 5.70 -24.95 17.43
CA GLY A 296 4.88 -26.09 17.05
C GLY A 296 4.69 -26.09 15.56
N GLU A 297 3.47 -26.42 15.17
CA GLU A 297 2.98 -26.49 13.77
C GLU A 297 3.21 -25.13 13.06
N HIS A 298 2.76 -24.04 13.68
CA HIS A 298 2.78 -22.67 13.08
C HIS A 298 4.22 -22.43 12.58
N LYS A 299 5.20 -22.69 13.44
CA LYS A 299 6.62 -22.53 13.12
C LYS A 299 6.94 -23.32 11.85
N LYS A 300 6.47 -24.55 11.72
CA LYS A 300 6.82 -25.40 10.54
C LYS A 300 6.09 -24.87 9.32
N LEU A 301 4.82 -24.47 9.44
CA LEU A 301 4.03 -23.99 8.28
C LEU A 301 4.69 -22.68 7.75
N ALA A 302 5.05 -21.76 8.66
CA ALA A 302 5.70 -20.47 8.35
C ALA A 302 7.08 -20.70 7.74
N GLU A 303 7.88 -21.62 8.30
CA GLU A 303 9.22 -21.96 7.73
C GLU A 303 9.08 -22.43 6.29
N ALA A 304 8.03 -23.20 6.01
CA ALA A 304 7.78 -23.76 4.67
C ALA A 304 7.34 -22.65 3.68
N ILE A 305 6.50 -21.70 4.10
CA ILE A 305 6.13 -20.56 3.21
C ILE A 305 7.44 -19.87 2.81
N PHE A 306 8.28 -19.51 3.78
CA PHE A 306 9.58 -18.81 3.56
C PHE A 306 10.51 -19.65 2.65
N LYS A 307 10.78 -20.92 3.00
CA LYS A 307 11.67 -21.86 2.26
C LYS A 307 11.12 -22.13 0.85
N LEU A 308 9.85 -22.48 0.70
CA LEU A 308 9.32 -23.16 -0.52
C LEU A 308 8.71 -22.17 -1.52
N THR A 309 8.15 -21.06 -1.07
CA THR A 309 7.44 -20.10 -1.95
C THR A 309 8.14 -18.74 -2.00
N TYR A 310 8.99 -18.35 -1.04
CA TYR A 310 9.62 -17.00 -1.05
C TYR A 310 11.09 -17.13 -1.45
N GLN A 311 11.86 -17.99 -0.78
CA GLN A 311 13.31 -18.15 -1.03
C GLN A 311 13.56 -19.09 -2.22
N ASN A 312 12.51 -19.72 -2.76
CA ASN A 312 12.48 -20.51 -4.03
C ASN A 312 11.11 -20.27 -4.64
N LYS A 313 11.04 -19.75 -5.85
CA LYS A 313 9.76 -19.34 -6.46
C LYS A 313 9.62 -20.01 -7.83
N VAL A 314 8.39 -20.29 -8.24
CA VAL A 314 8.06 -20.86 -9.57
C VAL A 314 6.97 -19.94 -10.06
N VAL A 315 7.10 -19.48 -11.30
CA VAL A 315 6.23 -18.44 -11.89
C VAL A 315 5.89 -18.86 -13.33
N ARG A 316 4.63 -18.67 -13.70
CA ARG A 316 4.16 -18.83 -15.08
C ARG A 316 3.94 -17.42 -15.65
N VAL A 317 4.72 -17.04 -16.67
CA VAL A 317 4.67 -15.72 -17.36
C VAL A 317 4.36 -15.95 -18.85
N GLN A 318 3.31 -15.31 -19.36
CA GLN A 318 2.90 -15.37 -20.79
C GLN A 318 3.95 -14.66 -21.65
N ARG A 319 4.10 -15.08 -22.91
CA ARG A 319 5.01 -14.47 -23.91
C ARG A 319 4.33 -14.47 -25.27
N PRO A 320 4.16 -13.29 -25.91
CA PRO A 320 3.50 -13.19 -27.21
C PRO A 320 4.18 -14.02 -28.30
N THR A 321 5.52 -14.12 -28.26
CA THR A 321 6.37 -14.87 -29.22
C THR A 321 5.63 -16.14 -29.68
N THR A 325 1.87 -17.21 -28.07
CA THR A 325 1.67 -17.18 -26.59
C THR A 325 2.11 -18.53 -26.00
N VAL A 326 3.30 -18.59 -25.40
CA VAL A 326 3.89 -19.81 -24.79
C VAL A 326 4.22 -19.53 -23.32
N MET A 327 3.33 -19.93 -22.41
CA MET A 327 3.53 -19.83 -20.95
C MET A 327 4.94 -20.31 -20.60
N ASP A 328 5.82 -19.40 -20.18
CA ASP A 328 7.19 -19.70 -19.68
C ASP A 328 7.11 -20.09 -18.21
N ILE A 329 7.85 -21.11 -17.80
CA ILE A 329 7.89 -21.57 -16.39
C ILE A 329 9.30 -21.27 -15.94
N ILE A 330 9.43 -20.18 -15.21
CA ILE A 330 10.73 -19.68 -14.72
C ILE A 330 10.73 -19.78 -13.20
N SER A 331 11.92 -19.75 -12.64
CA SER A 331 12.17 -19.81 -11.19
C SER A 331 13.30 -18.83 -10.87
N ARG A 332 13.34 -18.40 -9.60
CA ARG A 332 14.40 -17.50 -9.09
C ARG A 332 14.27 -17.54 -7.56
N ARG A 333 15.34 -17.24 -6.82
CA ARG A 333 15.28 -17.38 -5.34
C ARG A 333 15.12 -16.02 -4.66
N ASP A 334 15.37 -14.93 -5.37
CA ASP A 334 15.37 -13.59 -4.73
C ASP A 334 14.23 -12.72 -5.24
N GLN A 335 14.19 -11.45 -4.80
CA GLN A 335 13.14 -10.48 -5.20
C GLN A 335 11.88 -10.70 -4.38
N ARG A 336 10.96 -9.74 -4.42
CA ARG A 336 9.69 -9.85 -3.65
C ARG A 336 8.60 -10.49 -4.50
N GLY A 337 8.04 -11.57 -4.01
CA GLY A 337 6.94 -12.34 -4.60
C GLY A 337 6.21 -13.00 -3.45
N SER A 338 5.26 -12.25 -2.86
CA SER A 338 4.32 -12.70 -1.82
C SER A 338 2.95 -12.09 -2.14
N GLY A 339 1.93 -12.42 -1.35
CA GLY A 339 0.66 -11.68 -1.32
C GLY A 339 0.91 -10.21 -1.03
N GLN A 340 0.03 -9.33 -1.50
CA GLN A 340 0.22 -7.86 -1.41
C GLN A 340 0.22 -7.43 0.07
N VAL A 341 -0.52 -8.12 0.94
CA VAL A 341 -0.58 -7.72 2.38
C VAL A 341 0.65 -8.23 3.13
N VAL A 342 1.09 -9.46 2.89
CA VAL A 342 2.36 -9.93 3.52
C VAL A 342 3.52 -9.12 2.95
N THR A 343 3.46 -8.76 1.65
CA THR A 343 4.49 -7.93 1.01
C THR A 343 4.60 -6.59 1.75
N TYR A 344 3.46 -6.00 2.14
CA TYR A 344 3.46 -4.72 2.85
C TYR A 344 4.24 -4.86 4.16
N GLY A 345 3.95 -5.91 4.94
CA GLY A 345 4.52 -6.02 6.30
C GLY A 345 6.01 -6.32 6.23
N LEU A 346 6.45 -7.17 5.30
CA LEU A 346 7.86 -7.55 5.19
C LEU A 346 8.67 -6.37 4.56
N ASN A 347 8.07 -5.64 3.62
CA ASN A 347 8.62 -4.36 3.08
C ASN A 347 8.82 -3.39 4.24
N THR A 348 7.82 -3.17 5.09
CA THR A 348 7.95 -2.27 6.25
C THR A 348 9.11 -2.75 7.13
N PHE A 349 9.18 -4.04 7.45
CA PHE A 349 10.23 -4.61 8.35
C PHE A 349 11.64 -4.33 7.79
N THR A 350 11.84 -4.66 6.51
CA THR A 350 13.17 -4.59 5.87
C THR A 350 13.53 -3.12 5.68
N ASN A 351 12.56 -2.25 5.40
CA ASN A 351 12.81 -0.80 5.25
C ASN A 351 13.20 -0.24 6.64
N MET A 352 12.49 -0.63 7.70
CA MET A 352 12.84 -0.19 9.06
C MET A 352 14.31 -0.57 9.38
N GLU A 353 14.69 -1.79 9.02
CA GLU A 353 16.06 -2.33 9.27
C GLU A 353 17.08 -1.48 8.46
N ALA A 354 16.85 -1.34 7.16
CA ALA A 354 17.72 -0.53 6.27
C ALA A 354 17.89 0.91 6.81
N GLN A 355 16.80 1.56 7.23
CA GLN A 355 16.86 2.97 7.66
C GLN A 355 17.61 3.06 9.01
N LEU A 356 17.43 2.13 9.95
CA LEU A 356 18.22 2.12 11.23
C LEU A 356 19.70 1.98 10.90
N ILE A 357 20.05 1.13 9.97
CA ILE A 357 21.47 0.95 9.57
C ILE A 357 22.00 2.23 8.90
N ARG A 358 21.23 2.90 8.04
CA ARG A 358 21.67 4.21 7.51
C ARG A 358 21.83 5.20 8.65
N GLN A 359 20.93 5.24 9.62
CA GLN A 359 21.14 6.14 10.78
C GLN A 359 22.44 5.73 11.53
N MET A 360 22.72 4.45 11.72
CA MET A 360 23.97 4.02 12.41
C MET A 360 25.18 4.56 11.62
N GLU A 361 25.17 4.40 10.32
CA GLU A 361 26.25 4.91 9.45
C GLU A 361 26.45 6.40 9.65
N GLY A 362 25.38 7.18 9.70
CA GLY A 362 25.50 8.65 9.84
C GLY A 362 26.08 9.01 11.22
N GLU A 363 25.74 8.25 12.25
CA GLU A 363 26.22 8.49 13.61
C GLU A 363 27.66 7.93 13.78
N GLY A 364 28.22 7.29 12.78
CA GLY A 364 29.58 6.73 12.89
C GLY A 364 29.67 5.52 13.81
N VAL A 365 28.57 4.78 14.00
CA VAL A 365 28.58 3.53 14.84
C VAL A 365 29.55 2.53 14.23
N PHE A 366 29.64 2.48 12.91
CA PHE A 366 30.60 1.60 12.22
C PHE A 366 31.29 2.41 11.12
N LYS A 367 32.48 1.98 10.69
CA LYS A 367 33.26 2.80 9.71
C LYS A 367 33.22 2.15 8.32
N SER A 368 33.23 0.82 8.27
CA SER A 368 33.29 0.14 6.94
C SER A 368 32.30 -1.00 6.86
N ILE A 369 31.80 -1.28 5.66
CA ILE A 369 30.79 -2.35 5.43
C ILE A 369 31.52 -3.63 5.04
N GLN A 370 32.82 -3.54 4.75
CA GLN A 370 33.58 -4.72 4.26
C GLN A 370 33.66 -5.77 5.35
N HIS A 371 33.84 -5.31 6.59
CA HIS A 371 34.01 -6.24 7.72
C HIS A 371 33.64 -5.52 9.01
N LEU A 372 32.90 -6.21 9.87
CA LEU A 372 32.55 -5.62 11.18
C LEU A 372 33.46 -6.26 12.22
N THR A 373 34.24 -5.44 12.91
CA THR A 373 35.14 -5.92 14.00
C THR A 373 34.27 -6.56 15.08
N VAL A 374 34.89 -7.12 16.13
CA VAL A 374 34.16 -7.67 17.31
C VAL A 374 33.66 -6.49 18.15
N THR A 375 34.47 -5.43 18.25
CA THR A 375 34.14 -4.19 19.00
C THR A 375 33.04 -3.38 18.25
N GLU A 376 33.05 -3.35 16.91
CA GLU A 376 32.00 -2.64 16.10
C GLU A 376 30.65 -3.38 16.32
N GLU A 377 30.65 -4.72 16.37
CA GLU A 377 29.45 -5.50 16.76
C GLU A 377 29.04 -5.13 18.19
N ILE A 378 29.96 -5.01 19.12
CA ILE A 378 29.55 -4.62 20.50
C ILE A 378 28.81 -3.28 20.37
N ALA A 379 29.40 -2.31 19.66
CA ALA A 379 28.86 -0.93 19.58
C ALA A 379 27.45 -0.90 18.91
N VAL A 380 27.22 -1.70 17.85
CA VAL A 380 25.93 -1.77 17.10
C VAL A 380 24.87 -2.33 18.04
N LYS A 381 25.17 -3.45 18.71
CA LYS A 381 24.26 -4.12 19.67
C LYS A 381 23.87 -3.13 20.77
N ASN A 382 24.87 -2.37 21.29
CA ASN A 382 24.67 -1.44 22.42
C ASN A 382 23.93 -0.16 21.99
N TRP A 383 24.18 0.30 20.75
CA TRP A 383 23.37 1.37 20.11
C TRP A 383 21.90 0.94 20.06
N LEU A 384 21.63 -0.26 19.54
CA LEU A 384 20.24 -0.77 19.41
C LEU A 384 19.58 -0.79 20.79
N VAL A 385 20.30 -1.26 21.82
CA VAL A 385 19.69 -1.48 23.15
C VAL A 385 19.49 -0.12 23.77
N ARG A 386 20.47 0.77 23.57
CA ARG A 386 20.48 2.08 24.25
C ARG A 386 19.53 3.06 23.51
N VAL A 387 19.52 3.11 22.17
CA VAL A 387 18.77 4.22 21.49
C VAL A 387 17.86 3.72 20.35
N GLY A 388 17.80 2.41 20.14
CA GLY A 388 17.04 1.72 19.08
C GLY A 388 15.63 2.26 18.99
N ARG A 389 14.93 2.32 20.11
CA ARG A 389 13.49 2.66 20.12
C ARG A 389 13.42 4.15 19.84
N GLU A 390 14.29 4.96 20.41
CA GLU A 390 14.24 6.42 20.08
C GLU A 390 14.47 6.63 18.56
N ARG A 391 15.34 5.85 17.94
CA ARG A 391 15.70 6.04 16.52
C ARG A 391 14.54 5.56 15.61
N LEU A 392 13.74 4.59 16.08
CA LEU A 392 12.55 4.10 15.31
C LEU A 392 11.43 5.14 15.36
N SER A 393 11.38 5.92 16.46
CA SER A 393 10.36 6.97 16.65
C SER A 393 10.66 8.17 15.77
N ARG A 394 11.87 8.23 15.20
CA ARG A 394 12.32 9.35 14.32
C ARG A 394 11.92 9.04 12.88
N MET A 395 11.14 8.00 12.66
CA MET A 395 10.80 7.55 11.28
C MET A 395 9.30 7.29 11.14
N ALA A 396 8.79 7.48 9.92
CA ALA A 396 7.46 7.02 9.48
C ALA A 396 7.67 6.15 8.21
N ILE A 397 7.31 4.88 8.28
CA ILE A 397 7.65 3.88 7.26
C ILE A 397 6.38 3.13 6.92
N SER A 398 6.05 3.13 5.63
CA SER A 398 4.90 2.44 5.06
C SER A 398 5.44 1.62 3.92
N GLY A 399 5.65 0.32 4.16
CA GLY A 399 6.24 -0.52 3.08
C GLY A 399 7.54 0.06 2.56
N ASP A 400 7.66 0.27 1.25
CA ASP A 400 8.92 0.81 0.68
C ASP A 400 8.99 2.32 0.85
N ASP A 401 8.04 2.95 1.48
CA ASP A 401 8.07 4.44 1.59
C ASP A 401 8.54 4.84 2.99
N CYS A 402 9.40 5.85 3.12
CA CYS A 402 9.87 6.32 4.42
C CYS A 402 10.07 7.82 4.50
N VAL A 403 10.00 8.31 5.74
CA VAL A 403 10.46 9.66 6.17
C VAL A 403 11.33 9.42 7.41
N VAL A 404 12.52 9.97 7.40
CA VAL A 404 13.49 9.85 8.53
C VAL A 404 13.90 11.26 8.94
N LYS A 405 13.78 11.56 10.22
CA LYS A 405 14.40 12.75 10.83
C LYS A 405 15.59 12.28 11.66
N PRO A 406 16.76 12.14 11.05
CA PRO A 406 17.94 11.67 11.77
C PRO A 406 18.46 12.68 12.81
N LEU A 407 19.44 12.24 13.58
CA LEU A 407 20.06 13.05 14.66
C LEU A 407 20.68 14.34 14.05
N ASP A 408 21.20 14.28 12.83
CA ASP A 408 21.80 15.46 12.16
C ASP A 408 21.97 15.14 10.68
N ASP A 409 22.58 16.03 9.91
CA ASP A 409 22.60 15.86 8.43
C ASP A 409 23.77 15.01 7.95
N ARG A 410 24.58 14.39 8.81
CA ARG A 410 25.59 13.41 8.28
C ARG A 410 24.87 12.28 7.58
N PHE A 411 23.61 12.00 7.97
CA PHE A 411 22.76 10.98 7.35
C PHE A 411 22.73 11.16 5.82
N ALA A 412 22.67 12.41 5.32
CA ALA A 412 22.54 12.76 3.89
C ALA A 412 23.62 12.08 3.03
N SER A 413 24.85 11.96 3.53
CA SER A 413 25.97 11.34 2.77
C SER A 413 26.31 9.95 3.29
N ALA A 414 25.50 9.33 4.17
CA ALA A 414 25.79 7.96 4.66
C ALA A 414 25.12 6.98 3.72
N LEU A 415 25.85 6.55 2.70
CA LEU A 415 25.29 5.87 1.50
C LEU A 415 25.90 4.49 1.27
N THR A 416 26.96 4.10 1.97
CA THR A 416 27.69 2.85 1.61
C THR A 416 26.82 1.65 1.96
N ALA A 417 26.26 1.57 3.18
CA ALA A 417 25.40 0.42 3.58
C ALA A 417 24.11 0.39 2.73
N LEU A 418 23.48 1.54 2.49
CA LEU A 418 22.19 1.57 1.74
C LEU A 418 22.41 1.06 0.31
N ASN A 419 23.43 1.58 -0.38
CA ASN A 419 23.76 1.12 -1.75
C ASN A 419 24.15 -0.36 -1.69
N ASP A 420 24.97 -0.77 -0.72
CA ASP A 420 25.50 -2.16 -0.64
C ASP A 420 24.37 -3.15 -0.28
N MET A 421 23.33 -2.73 0.46
CA MET A 421 22.13 -3.58 0.67
C MET A 421 21.31 -3.68 -0.62
N GLY A 422 21.63 -2.85 -1.63
CA GLY A 422 20.94 -2.79 -2.95
C GLY A 422 19.71 -1.91 -2.95
N LYS A 423 19.46 -1.16 -1.88
CA LYS A 423 18.34 -0.16 -1.79
C LYS A 423 18.78 1.19 -2.39
N VAL A 424 19.06 1.16 -3.69
CA VAL A 424 19.60 2.30 -4.48
C VAL A 424 18.48 3.33 -4.65
N ARG A 425 18.79 4.59 -4.37
CA ARG A 425 17.80 5.68 -4.37
C ARG A 425 17.36 5.94 -5.81
N LYS A 426 16.09 6.35 -5.97
CA LYS A 426 15.44 6.75 -7.25
C LYS A 426 15.86 8.19 -7.64
N ASP A 427 16.24 8.43 -8.90
CA ASP A 427 16.37 9.81 -9.46
C ASP A 427 17.41 10.67 -8.71
N ILE A 428 18.60 10.12 -8.44
CA ILE A 428 19.76 10.83 -7.86
C ILE A 428 20.93 9.93 -8.12
N GLN A 429 22.12 10.49 -8.36
CA GLN A 429 23.34 9.70 -8.65
C GLN A 429 23.74 8.95 -7.38
N GLN A 430 24.25 7.72 -7.57
CA GLN A 430 24.42 6.72 -6.49
C GLN A 430 25.20 7.31 -5.31
N TRP A 431 26.16 8.21 -5.57
CA TRP A 431 27.05 8.75 -4.48
C TRP A 431 26.81 10.23 -4.17
N GLU A 432 25.76 10.84 -4.71
CA GLU A 432 25.37 12.22 -4.40
C GLU A 432 24.56 12.24 -3.08
N PRO A 433 24.83 13.19 -2.17
CA PRO A 433 24.10 13.29 -0.90
C PRO A 433 22.62 13.56 -1.11
N SER A 434 21.78 12.99 -0.24
CA SER A 434 20.31 13.16 -0.24
C SER A 434 19.94 14.63 -0.04
N ARG A 435 18.91 15.11 -0.74
CA ARG A 435 18.28 16.43 -0.52
C ARG A 435 17.21 16.27 0.56
N GLY A 436 17.41 16.85 1.74
CA GLY A 436 16.41 16.79 2.81
C GLY A 436 15.41 17.93 2.73
N TRP A 437 14.36 17.88 3.55
CA TRP A 437 13.29 18.88 3.57
C TRP A 437 13.38 19.62 4.87
N ASN A 438 13.25 20.93 4.87
CA ASN A 438 13.29 21.72 6.13
C ASN A 438 11.93 21.93 6.74
N ASP A 439 10.85 21.65 6.03
CA ASP A 439 9.49 21.98 6.54
C ASP A 439 8.62 20.72 6.38
N TRP A 440 8.09 20.20 7.48
CA TRP A 440 7.33 18.94 7.47
C TRP A 440 6.11 19.06 6.52
N THR A 441 5.65 20.26 6.24
CA THR A 441 4.49 20.48 5.32
C THR A 441 4.84 20.31 3.83
N GLN A 442 6.13 20.14 3.51
CA GLN A 442 6.63 19.91 2.14
C GLN A 442 7.04 18.45 1.90
N VAL A 443 7.21 17.66 2.97
CA VAL A 443 7.69 16.24 2.86
C VAL A 443 6.64 15.41 2.15
N PRO A 444 7.02 14.64 1.10
CA PRO A 444 6.12 13.66 0.48
C PRO A 444 6.08 12.36 1.31
N PHE A 445 4.91 11.78 1.48
CA PHE A 445 4.72 10.47 2.16
C PHE A 445 3.39 9.90 1.69
N CYS A 446 3.39 8.63 1.29
CA CYS A 446 2.21 7.84 0.88
C CYS A 446 1.43 8.64 -0.19
N SER A 447 2.14 9.22 -1.15
CA SER A 447 1.62 9.99 -2.31
C SER A 447 0.94 11.31 -1.90
N HIS A 448 1.16 11.79 -0.68
CA HIS A 448 0.55 13.03 -0.13
C HIS A 448 1.60 14.00 0.39
N HIS A 449 1.15 15.24 0.59
CA HIS A 449 1.76 16.21 1.53
C HIS A 449 0.66 16.66 2.48
N PHE A 450 1.05 17.39 3.51
CA PHE A 450 0.15 17.72 4.64
C PHE A 450 0.22 19.22 4.92
N HIS A 451 -0.97 19.81 5.07
CA HIS A 451 -1.15 21.23 5.40
C HIS A 451 -1.59 21.36 6.86
N GLU A 452 -1.12 22.43 7.50
CA GLU A 452 -1.63 22.90 8.81
C GLU A 452 -2.78 23.89 8.56
N LEU A 453 -3.99 23.59 8.98
CA LEU A 453 -5.15 24.44 8.67
C LEU A 453 -5.81 24.89 9.99
N ILE A 454 -5.94 26.19 10.20
CA ILE A 454 -6.52 26.70 11.47
C ILE A 454 -8.00 26.96 11.28
N MET A 455 -8.79 26.37 12.15
CA MET A 455 -10.27 26.55 12.15
C MET A 455 -10.61 27.92 12.72
N LYS A 456 -11.79 28.44 12.35
N LYS A 456 -11.79 28.43 12.33
CA LYS A 456 -12.26 29.78 12.78
CA LYS A 456 -12.33 29.74 12.77
C LYS A 456 -12.22 29.87 14.31
C LYS A 456 -12.20 29.86 14.29
N ASP A 457 -12.39 28.75 15.02
CA ASP A 457 -12.32 28.71 16.51
C ASP A 457 -10.93 28.38 17.09
N GLY A 458 -9.85 28.51 16.30
CA GLY A 458 -8.45 28.30 16.72
C GLY A 458 -8.02 26.85 16.81
N ARG A 459 -8.89 25.84 16.67
CA ARG A 459 -8.40 24.43 16.70
C ARG A 459 -7.60 24.12 15.41
N VAL A 460 -6.64 23.21 15.50
CA VAL A 460 -5.64 22.96 14.43
C VAL A 460 -5.90 21.61 13.78
N LEU A 461 -6.22 21.65 12.49
CA LEU A 461 -6.32 20.43 11.65
C LEU A 461 -5.00 20.30 10.88
N VAL A 462 -4.51 19.07 10.76
CA VAL A 462 -3.39 18.70 9.87
C VAL A 462 -3.97 17.75 8.83
N VAL A 463 -4.08 18.23 7.59
CA VAL A 463 -4.91 17.60 6.55
C VAL A 463 -4.04 17.03 5.44
N PRO A 464 -4.46 15.89 4.85
CA PRO A 464 -3.77 15.30 3.71
C PRO A 464 -4.13 16.01 2.42
N CYS A 465 -3.19 16.02 1.47
CA CYS A 465 -3.39 16.77 0.20
C CYS A 465 -2.54 16.14 -0.89
N ARG A 466 -3.03 16.17 -2.13
CA ARG A 466 -2.19 15.93 -3.29
C ARG A 466 -2.74 16.73 -4.46
N ASN A 467 -1.99 16.74 -5.54
CA ASN A 467 -2.38 17.50 -6.73
C ASN A 467 -3.82 17.09 -7.12
N GLN A 468 -4.70 18.06 -7.30
CA GLN A 468 -6.17 17.77 -7.43
C GLN A 468 -6.45 17.05 -8.75
N ASP A 469 -5.61 17.23 -9.77
CA ASP A 469 -5.82 16.47 -11.02
C ASP A 469 -5.73 14.97 -10.73
N GLU A 470 -4.79 14.53 -9.88
CA GLU A 470 -4.61 13.11 -9.53
C GLU A 470 -5.90 12.61 -8.84
N LEU A 471 -6.47 13.40 -7.95
CA LEU A 471 -7.67 12.97 -7.19
C LEU A 471 -8.87 12.83 -8.14
N ILE A 472 -9.06 13.79 -9.02
CA ILE A 472 -10.24 13.74 -9.93
C ILE A 472 -10.02 12.64 -10.96
N GLY A 473 -8.82 12.52 -11.51
CA GLY A 473 -8.49 11.49 -12.51
C GLY A 473 -8.67 10.08 -11.97
N ARG A 474 -8.36 9.84 -10.70
CA ARG A 474 -8.57 8.49 -10.10
C ARG A 474 -10.06 8.21 -9.86
N ALA A 475 -10.83 9.21 -9.43
CA ALA A 475 -12.28 9.00 -9.14
C ALA A 475 -13.06 8.75 -10.43
N ARG A 476 -12.49 9.11 -11.58
CA ARG A 476 -13.18 8.95 -12.89
C ARG A 476 -12.87 7.56 -13.48
N ILE A 477 -12.17 6.72 -12.73
CA ILE A 477 -11.76 5.38 -13.25
C ILE A 477 -12.42 4.25 -12.47
N SER A 478 -13.05 3.31 -13.19
N SER A 478 -13.05 3.31 -13.19
CA SER A 478 -13.67 2.13 -12.53
CA SER A 478 -13.67 2.13 -12.53
C SER A 478 -12.93 0.87 -12.98
C SER A 478 -12.94 0.87 -12.98
N GLN A 479 -12.61 -0.01 -12.02
CA GLN A 479 -11.88 -1.25 -12.34
C GLN A 479 -12.82 -2.40 -12.74
N GLY A 480 -12.44 -3.17 -13.75
CA GLY A 480 -13.26 -4.31 -14.21
C GLY A 480 -14.50 -3.83 -14.96
N ALA A 481 -15.31 -4.79 -15.35
CA ALA A 481 -16.43 -4.62 -16.31
C ALA A 481 -17.66 -5.35 -15.76
N GLY A 482 -18.82 -5.17 -16.41
CA GLY A 482 -20.11 -5.73 -15.97
C GLY A 482 -20.74 -4.85 -14.91
N TRP A 483 -20.30 -3.59 -14.76
CA TRP A 483 -20.87 -2.73 -13.70
C TRP A 483 -22.26 -2.24 -14.12
N SER A 484 -23.22 -2.33 -13.24
CA SER A 484 -24.54 -1.71 -13.46
C SER A 484 -24.41 -0.19 -13.28
N LEU A 485 -25.45 0.59 -13.62
CA LEU A 485 -25.50 2.05 -13.33
C LEU A 485 -25.56 2.28 -11.83
N ARG A 486 -26.32 1.44 -11.13
CA ARG A 486 -26.38 1.54 -9.67
C ARG A 486 -24.99 1.35 -9.02
N GLU A 487 -24.26 0.32 -9.43
CA GLU A 487 -22.90 0.00 -8.88
C GLU A 487 -21.92 1.13 -9.23
N THR A 488 -21.99 1.66 -10.45
CA THR A 488 -21.12 2.80 -10.89
C THR A 488 -21.44 4.01 -10.00
N ALA A 489 -22.72 4.30 -9.74
CA ALA A 489 -23.15 5.42 -8.88
C ALA A 489 -22.61 5.25 -7.46
N CYS A 490 -22.66 4.03 -6.91
CA CYS A 490 -22.25 3.75 -5.52
C CYS A 490 -20.72 3.92 -5.42
N LEU A 491 -19.97 3.55 -6.43
CA LEU A 491 -18.51 3.82 -6.46
C LEU A 491 -18.23 5.34 -6.54
N GLY A 492 -19.00 6.12 -7.30
CA GLY A 492 -18.79 7.58 -7.30
C GLY A 492 -19.11 8.16 -5.96
N LYS A 493 -20.11 7.62 -5.27
CA LYS A 493 -20.47 8.04 -3.90
C LYS A 493 -19.33 7.71 -2.93
N SER A 494 -18.64 6.57 -3.06
CA SER A 494 -17.48 6.23 -2.20
C SER A 494 -16.39 7.31 -2.39
N TYR A 495 -16.09 7.71 -3.63
CA TYR A 495 -15.06 8.78 -3.86
C TYR A 495 -15.55 10.07 -3.23
N ALA A 496 -16.84 10.41 -3.46
CA ALA A 496 -17.39 11.68 -2.95
C ALA A 496 -17.25 11.72 -1.43
N GLN A 497 -17.67 10.65 -0.73
CA GLN A 497 -17.54 10.63 0.76
C GLN A 497 -16.06 10.65 1.21
N MET A 498 -15.14 10.00 0.50
CA MET A 498 -13.70 10.10 0.88
C MET A 498 -13.29 11.57 0.75
N TRP A 499 -13.71 12.24 -0.33
CA TRP A 499 -13.33 13.67 -0.51
C TRP A 499 -13.88 14.54 0.64
N SER A 500 -15.14 14.34 1.04
N SER A 500 -15.14 14.33 1.05
CA SER A 500 -15.76 15.13 2.12
CA SER A 500 -15.76 15.14 2.12
C SER A 500 -14.94 14.95 3.40
C SER A 500 -15.05 14.89 3.45
N LEU A 501 -14.39 13.75 3.62
CA LEU A 501 -13.68 13.42 4.89
C LEU A 501 -12.20 13.83 4.90
N MET A 502 -11.52 13.62 3.80
CA MET A 502 -10.04 13.77 3.73
C MET A 502 -9.72 15.13 3.04
N TYR A 503 -10.48 15.54 2.01
CA TYR A 503 -10.06 16.66 1.12
C TYR A 503 -11.12 17.77 1.12
N PHE A 504 -11.89 17.90 2.21
CA PHE A 504 -12.93 18.94 2.42
C PHE A 504 -12.33 20.34 2.24
N HIS A 505 -11.03 20.47 2.46
CA HIS A 505 -10.30 21.78 2.43
C HIS A 505 -10.00 22.25 0.99
N ARG A 506 -10.33 21.45 -0.02
CA ARG A 506 -10.14 21.79 -1.44
C ARG A 506 -11.53 22.23 -1.95
N ARG A 507 -11.67 23.50 -2.37
CA ARG A 507 -12.95 24.11 -2.79
C ARG A 507 -13.63 23.24 -3.84
N ASP A 508 -12.89 22.78 -4.85
CA ASP A 508 -13.49 22.06 -5.99
C ASP A 508 -14.01 20.67 -5.51
N LEU A 509 -13.30 20.04 -4.58
CA LEU A 509 -13.63 18.65 -4.17
C LEU A 509 -14.81 18.71 -3.20
N ARG A 510 -14.93 19.72 -2.36
CA ARG A 510 -16.10 19.81 -1.44
C ARG A 510 -17.37 20.01 -2.28
N LEU A 511 -17.29 20.84 -3.33
CA LEU A 511 -18.43 21.15 -4.22
C LEU A 511 -18.78 19.89 -5.03
N ALA A 512 -17.79 19.23 -5.63
CA ALA A 512 -18.04 18.02 -6.45
C ALA A 512 -18.56 16.89 -5.54
N ALA A 513 -18.06 16.77 -4.31
CA ALA A 513 -18.52 15.71 -3.38
C ALA A 513 -20.01 15.94 -3.07
N ASN A 514 -20.37 17.18 -2.76
CA ASN A 514 -21.79 17.56 -2.49
C ASN A 514 -22.65 17.28 -3.70
N ALA A 515 -22.17 17.61 -4.90
CA ALA A 515 -22.90 17.36 -6.15
C ALA A 515 -23.13 15.85 -6.35
N ILE A 516 -22.10 15.01 -6.22
CA ILE A 516 -22.21 13.54 -6.46
C ILE A 516 -23.17 12.98 -5.41
N CYS A 517 -23.06 13.39 -4.15
CA CYS A 517 -23.96 12.86 -3.08
C CYS A 517 -25.42 13.36 -3.31
N SER A 518 -25.63 14.44 -4.06
CA SER A 518 -26.98 14.97 -4.37
C SER A 518 -27.52 14.20 -5.56
N ALA A 519 -26.63 13.67 -6.39
CA ALA A 519 -26.98 13.04 -7.68
C ALA A 519 -27.25 11.56 -7.51
N VAL A 520 -26.73 10.96 -6.46
CA VAL A 520 -26.89 9.53 -6.15
C VAL A 520 -28.01 9.40 -5.10
N PRO A 521 -28.90 8.39 -5.23
CA PRO A 521 -29.98 8.19 -4.25
C PRO A 521 -29.42 8.14 -2.83
N SER A 522 -30.05 8.87 -1.91
N SER A 522 -30.09 8.86 -1.92
CA SER A 522 -29.58 9.13 -0.53
CA SER A 522 -29.66 9.15 -0.52
C SER A 522 -29.27 7.82 0.19
C SER A 522 -29.31 7.84 0.20
N HIS A 523 -30.10 6.79 -0.01
CA HIS A 523 -29.96 5.51 0.75
C HIS A 523 -29.03 4.52 0.06
N TRP A 524 -28.51 4.78 -1.14
CA TRP A 524 -27.65 3.78 -1.83
C TRP A 524 -26.29 3.72 -1.13
N VAL A 525 -25.73 2.53 -0.98
CA VAL A 525 -24.58 2.28 -0.09
C VAL A 525 -23.33 2.40 -0.95
N PRO A 526 -22.33 3.18 -0.51
CA PRO A 526 -21.02 3.22 -1.20
C PRO A 526 -20.37 1.84 -1.29
N THR A 527 -19.78 1.51 -2.45
CA THR A 527 -19.08 0.24 -2.75
C THR A 527 -17.69 0.52 -3.30
N SER A 528 -16.85 -0.50 -3.36
CA SER A 528 -15.46 -0.49 -3.90
C SER A 528 -15.05 -1.95 -4.18
N ARG A 529 -14.26 -2.23 -5.24
CA ARG A 529 -13.91 -3.62 -5.66
C ARG A 529 -12.50 -4.06 -5.22
N ALA A 536 -5.68 2.02 4.68
CA ALA A 536 -6.09 3.36 5.17
C ALA A 536 -7.53 3.29 5.71
N THR A 537 -7.67 3.22 7.04
CA THR A 537 -9.02 3.20 7.67
C THR A 537 -10.03 3.87 6.73
N HIS A 538 -11.09 3.16 6.34
CA HIS A 538 -12.07 3.71 5.37
C HIS A 538 -13.37 4.14 6.06
N GLU A 539 -13.34 5.28 6.75
CA GLU A 539 -14.52 5.77 7.51
C GLU A 539 -15.59 6.35 6.57
N TRP A 540 -15.27 6.50 5.28
CA TRP A 540 -16.22 7.06 4.28
C TRP A 540 -17.12 5.95 3.72
N MET A 541 -16.81 4.69 4.02
CA MET A 541 -17.60 3.54 3.52
C MET A 541 -18.75 3.30 4.52
N THR A 542 -19.82 4.08 4.44
CA THR A 542 -20.94 4.15 5.41
C THR A 542 -22.07 4.96 4.78
N THR A 543 -23.31 4.75 5.26
CA THR A 543 -24.50 5.58 4.90
C THR A 543 -24.77 6.64 5.98
N GLU A 544 -23.98 6.64 7.06
CA GLU A 544 -24.13 7.67 8.13
C GLU A 544 -23.94 9.06 7.51
N ASP A 545 -24.50 10.07 8.12
CA ASP A 545 -24.39 11.46 7.62
C ASP A 545 -22.89 11.89 7.68
N MET A 546 -22.35 12.51 6.61
CA MET A 546 -20.87 12.74 6.55
C MET A 546 -20.48 13.79 7.59
N LEU A 547 -21.35 14.74 7.97
CA LEU A 547 -20.93 15.69 9.03
C LEU A 547 -20.70 14.93 10.34
N THR A 548 -21.53 13.92 10.67
CA THR A 548 -21.35 13.16 11.93
C THR A 548 -20.03 12.37 11.86
N VAL A 549 -19.73 11.73 10.75
CA VAL A 549 -18.45 11.03 10.57
C VAL A 549 -17.28 12.03 10.67
N TRP A 550 -17.42 13.24 10.10
CA TRP A 550 -16.35 14.25 10.11
C TRP A 550 -16.02 14.56 11.58
N ASN A 551 -17.03 14.88 12.36
CA ASN A 551 -16.87 15.18 13.80
C ASN A 551 -16.22 13.99 14.53
N ARG A 552 -16.62 12.75 14.24
CA ARG A 552 -16.03 11.60 14.97
C ARG A 552 -14.52 11.54 14.66
N VAL A 553 -14.15 11.71 13.38
CA VAL A 553 -12.77 11.46 12.89
C VAL A 553 -11.85 12.63 13.30
N TRP A 554 -12.26 13.86 13.05
CA TRP A 554 -11.40 15.05 13.17
C TRP A 554 -11.45 15.62 14.58
N ILE A 555 -12.50 15.30 15.38
CA ILE A 555 -12.68 15.94 16.72
C ILE A 555 -12.66 14.86 17.80
N GLN A 556 -13.70 14.02 17.88
CA GLN A 556 -13.96 13.06 19.00
C GLN A 556 -12.76 12.12 19.18
N GLU A 557 -12.35 11.42 18.12
CA GLU A 557 -11.38 10.30 18.14
C GLU A 557 -9.96 10.80 17.84
N ASN A 558 -9.77 12.11 17.67
CA ASN A 558 -8.48 12.70 17.21
C ASN A 558 -7.63 12.99 18.44
N PRO A 559 -6.54 12.24 18.71
CA PRO A 559 -5.79 12.44 19.95
C PRO A 559 -5.03 13.74 19.96
N TRP A 560 -4.85 14.41 18.83
CA TRP A 560 -4.15 15.71 18.82
C TRP A 560 -5.10 16.92 19.09
N MET A 561 -6.42 16.72 19.22
CA MET A 561 -7.45 17.79 19.45
C MET A 561 -7.89 17.71 20.93
N GLU A 562 -7.48 18.67 21.77
CA GLU A 562 -7.83 18.69 23.23
C GLU A 562 -9.32 19.04 23.40
N ASP A 563 -9.81 20.09 22.76
CA ASP A 563 -11.21 20.57 22.89
C ASP A 563 -12.10 19.73 21.96
N LYS A 564 -13.11 19.05 22.52
CA LYS A 564 -13.96 18.06 21.83
C LYS A 564 -15.28 18.70 21.40
N THR A 565 -15.34 20.02 21.29
CA THR A 565 -16.64 20.71 20.94
C THR A 565 -17.06 20.26 19.54
N PRO A 566 -18.23 19.62 19.32
CA PRO A 566 -18.63 19.21 17.98
C PRO A 566 -18.78 20.42 17.05
N VAL A 567 -18.55 20.21 15.76
CA VAL A 567 -18.84 21.23 14.71
C VAL A 567 -20.31 20.99 14.32
N GLU A 568 -21.08 22.08 14.18
CA GLU A 568 -22.57 22.03 13.99
C GLU A 568 -22.91 22.08 12.50
N SER A 569 -22.02 22.60 11.63
CA SER A 569 -22.28 22.70 10.18
C SER A 569 -20.97 22.65 9.36
N TRP A 570 -21.12 22.31 8.08
CA TRP A 570 -19.98 22.30 7.12
C TRP A 570 -19.36 23.70 7.01
N GLU A 571 -20.11 24.77 7.21
CA GLU A 571 -19.57 26.13 7.06
C GLU A 571 -18.52 26.46 8.14
N GLU A 572 -18.53 25.80 9.29
CA GLU A 572 -17.48 25.92 10.33
C GLU A 572 -16.16 25.26 9.85
N ILE A 573 -16.20 24.42 8.82
CA ILE A 573 -15.04 23.56 8.44
C ILE A 573 -14.30 24.33 7.35
N PRO A 574 -13.02 24.69 7.58
CA PRO A 574 -12.30 25.63 6.74
C PRO A 574 -11.73 25.05 5.44
N TYR A 575 -11.32 25.93 4.54
CA TYR A 575 -10.58 25.58 3.29
C TYR A 575 -9.11 25.99 3.45
N LEU A 576 -8.20 25.45 2.64
CA LEU A 576 -6.89 26.07 2.38
C LEU A 576 -7.10 27.54 1.97
N GLY A 577 -6.08 28.37 2.11
CA GLY A 577 -6.04 29.68 1.39
C GLY A 577 -6.30 29.48 -0.10
N LYS A 578 -6.89 30.49 -0.71
CA LYS A 578 -7.28 30.54 -2.15
C LYS A 578 -6.07 30.26 -3.04
N ARG A 579 -4.92 30.86 -2.72
CA ARG A 579 -3.68 30.71 -3.51
C ARG A 579 -3.10 29.30 -3.28
N GLU A 580 -3.05 28.82 -2.05
CA GLU A 580 -2.62 27.42 -1.77
C GLU A 580 -3.52 26.41 -2.49
N ASP A 581 -4.82 26.67 -2.59
CA ASP A 581 -5.79 25.79 -3.28
C ASP A 581 -5.41 25.71 -4.75
N GLN A 582 -5.09 26.85 -5.34
CA GLN A 582 -4.66 26.92 -6.75
C GLN A 582 -3.30 26.24 -6.93
N TRP A 583 -2.32 26.50 -6.05
CA TRP A 583 -0.99 25.82 -6.12
C TRP A 583 -1.15 24.29 -6.17
N CYS A 584 -2.12 23.75 -5.40
CA CYS A 584 -2.36 22.28 -5.36
C CYS A 584 -3.39 21.85 -6.41
N GLY A 585 -3.61 22.67 -7.44
CA GLY A 585 -4.36 22.27 -8.65
C GLY A 585 -5.80 22.76 -8.75
N SER A 586 -6.35 23.57 -7.83
CA SER A 586 -7.77 24.07 -7.93
C SER A 586 -7.94 24.80 -9.26
N LEU A 587 -9.15 24.71 -9.83
CA LEU A 587 -9.57 25.52 -10.97
C LEU A 587 -10.25 26.82 -10.57
N ILE A 588 -10.32 27.17 -9.27
CA ILE A 588 -10.96 28.47 -8.87
C ILE A 588 -10.30 29.59 -9.68
N GLY A 589 -11.10 30.58 -10.10
CA GLY A 589 -10.64 31.75 -10.88
C GLY A 589 -10.71 31.48 -12.37
N LEU A 590 -11.05 30.26 -12.79
CA LEU A 590 -11.29 29.94 -14.22
C LEU A 590 -12.78 30.08 -14.54
N THR A 591 -13.09 30.60 -15.72
CA THR A 591 -14.45 30.74 -16.27
C THR A 591 -15.15 29.39 -16.31
N SER A 592 -14.50 28.36 -16.83
CA SER A 592 -15.05 26.97 -16.89
C SER A 592 -15.57 26.49 -15.51
N ARG A 593 -14.80 26.79 -14.46
CA ARG A 593 -15.10 26.37 -13.07
C ARG A 593 -16.27 27.20 -12.55
N ALA A 594 -16.29 28.51 -12.82
CA ALA A 594 -17.39 29.41 -12.37
C ALA A 594 -18.73 28.98 -13.02
N THR A 595 -18.74 28.63 -14.30
CA THR A 595 -19.97 28.17 -14.96
C THR A 595 -20.44 26.82 -14.36
N TRP A 596 -19.47 25.96 -14.08
CA TRP A 596 -19.74 24.63 -13.48
C TRP A 596 -20.41 24.86 -12.12
N ALA A 597 -19.79 25.65 -11.25
CA ALA A 597 -20.35 25.88 -9.90
C ALA A 597 -21.76 26.51 -9.96
N LYS A 598 -21.91 27.59 -10.76
CA LYS A 598 -23.18 28.35 -10.86
C LYS A 598 -24.30 27.43 -11.35
N ASN A 599 -24.01 26.53 -12.30
CA ASN A 599 -25.01 25.66 -12.95
C ASN A 599 -24.98 24.23 -12.40
N ILE A 600 -24.48 24.00 -11.20
CA ILE A 600 -24.28 22.60 -10.67
C ILE A 600 -25.60 21.82 -10.58
N GLN A 601 -26.71 22.48 -10.25
N GLN A 601 -26.71 22.49 -10.25
CA GLN A 601 -28.05 21.84 -10.10
CA GLN A 601 -28.05 21.84 -10.10
C GLN A 601 -28.48 21.21 -11.44
C GLN A 601 -28.48 21.22 -11.44
N THR A 602 -28.12 21.83 -12.56
CA THR A 602 -28.37 21.27 -13.90
C THR A 602 -27.57 19.98 -14.14
N ALA A 603 -26.31 19.88 -13.72
CA ALA A 603 -25.51 18.64 -13.85
C ALA A 603 -26.07 17.60 -12.91
N ILE A 604 -26.40 17.99 -11.69
CA ILE A 604 -27.04 17.05 -10.72
C ILE A 604 -28.31 16.47 -11.36
N ASN A 605 -29.12 17.30 -12.00
CA ASN A 605 -30.43 16.90 -12.60
C ASN A 605 -30.16 16.00 -13.80
N GLN A 606 -29.09 16.23 -14.59
CA GLN A 606 -28.76 15.30 -15.70
C GLN A 606 -28.54 13.87 -15.16
N VAL A 607 -27.73 13.72 -14.12
CA VAL A 607 -27.41 12.39 -13.55
C VAL A 607 -28.69 11.80 -12.90
N ARG A 608 -29.45 12.59 -12.14
CA ARG A 608 -30.74 12.11 -11.55
C ARG A 608 -31.67 11.56 -12.64
N SER A 609 -31.78 12.25 -13.78
CA SER A 609 -32.63 11.81 -14.91
C SER A 609 -32.11 10.48 -15.46
N LEU A 610 -30.81 10.24 -15.47
CA LEU A 610 -30.26 8.98 -16.02
C LEU A 610 -30.57 7.82 -15.06
N ILE A 611 -30.37 8.04 -13.77
CA ILE A 611 -30.56 7.00 -12.74
C ILE A 611 -32.07 6.71 -12.58
N GLY A 612 -32.90 7.75 -12.65
CA GLY A 612 -34.37 7.67 -12.73
C GLY A 612 -35.05 8.16 -11.46
N ASN A 613 -36.28 7.70 -11.20
CA ASN A 613 -37.17 8.28 -10.16
C ASN A 613 -36.91 7.56 -8.83
N GLU A 614 -36.05 8.14 -8.01
CA GLU A 614 -35.43 7.56 -6.80
C GLU A 614 -35.53 8.67 -5.75
N GLU A 615 -35.22 8.37 -4.51
CA GLU A 615 -35.22 9.43 -3.44
C GLU A 615 -33.83 10.06 -3.45
N TYR A 616 -33.75 11.38 -3.66
CA TYR A 616 -32.51 12.19 -3.63
C TYR A 616 -32.59 13.22 -2.50
N THR A 617 -31.42 13.61 -1.96
CA THR A 617 -31.20 14.76 -1.06
C THR A 617 -30.39 15.86 -1.77
N ASP A 618 -30.73 17.14 -1.55
CA ASP A 618 -29.94 18.27 -2.07
C ASP A 618 -28.91 18.62 -0.98
N TYR A 619 -27.64 18.27 -1.18
CA TYR A 619 -26.57 18.65 -0.22
C TYR A 619 -25.97 20.02 -0.56
N MET A 620 -26.31 20.64 -1.70
CA MET A 620 -25.64 21.90 -2.12
C MET A 620 -25.83 23.06 -1.10
N PRO A 621 -27.00 23.29 -0.46
CA PRO A 621 -27.15 24.36 0.53
C PRO A 621 -26.33 24.21 1.82
N SER A 622 -25.67 23.06 2.05
CA SER A 622 -24.59 22.89 3.07
C SER A 622 -23.40 23.80 2.75
N MET A 623 -23.33 24.37 1.53
CA MET A 623 -22.28 25.37 1.17
C MET A 623 -22.91 26.78 1.19
N LYS A 624 -22.13 27.77 1.63
CA LYS A 624 -22.55 29.19 1.78
C LYS A 624 -23.21 29.68 0.47
N ARG A 625 -22.54 29.50 -0.67
CA ARG A 625 -22.93 30.16 -1.94
C ARG A 625 -24.29 29.63 -2.47
N PHE A 626 -24.72 28.42 -2.09
CA PHE A 626 -26.02 27.80 -2.49
C PHE A 626 -27.06 27.98 -1.38
N ARG A 627 -26.64 28.38 -0.18
CA ARG A 627 -27.57 28.61 0.96
C ARG A 627 -28.30 29.94 0.71
N ARG A 628 -29.16 30.02 -0.31
CA ARG A 628 -29.98 31.22 -0.72
C ARG A 628 -29.17 32.53 -0.69
C1 GOL B . -15.33 31.16 1.06
O1 GOL B . -16.22 30.13 1.43
C2 GOL B . -13.97 30.63 0.68
O2 GOL B . -13.73 30.86 -0.71
C3 GOL B . -12.83 31.25 1.48
O3 GOL B . -12.07 32.15 0.68
ZN ZN C . -1.68 20.68 -1.00
ZN ZN D . 3.07 -25.27 -1.60
O1 MES E . -25.00 5.45 -18.22
O1 MES E . -24.84 5.54 -18.02
C2 MES E . -24.88 5.74 -19.60
C2 MES E . -24.67 6.08 -19.32
C3 MES E . -23.49 6.16 -19.96
C3 MES E . -23.36 6.81 -19.49
N4 MES E . -23.08 7.36 -19.16
N4 MES E . -23.26 7.88 -18.46
C5 MES E . -23.29 7.08 -17.70
C5 MES E . -23.33 7.23 -17.12
C6 MES E . -24.70 6.62 -17.45
C6 MES E . -24.67 6.52 -17.01
C7 MES E . -21.66 7.75 -19.44
C7 MES E . -22.07 8.82 -18.59
C8 MES E . -21.37 9.20 -19.14
C8 MES E . -20.94 8.31 -19.47
S MES E . -19.74 9.68 -19.67
S MES E . -19.78 9.61 -19.95
O1S MES E . -19.92 10.49 -20.84
O1S MES E . -20.59 10.75 -20.28
O2S MES E . -19.18 10.44 -18.57
O2S MES E . -18.95 9.86 -18.80
O3S MES E . -19.02 8.47 -19.91
O3S MES E . -19.05 9.08 -21.06
S DMS F . -22.45 15.15 1.40
O DMS F . -22.48 16.14 2.63
C1 DMS F . -22.62 13.53 2.06
C2 DMS F . -20.69 15.10 0.94
S DMS G . -16.28 28.83 5.13
O DMS G . -15.85 27.43 5.49
C1 DMS G . -17.53 28.67 3.87
C2 DMS G . -14.97 29.50 4.15
S DMS H . -12.26 4.41 -2.70
O DMS H . -12.98 3.61 -1.67
C1 DMS H . -10.87 5.14 -1.90
C2 DMS H . -13.21 5.87 -2.86
P PO4 I . 9.22 8.97 0.08
O1 PO4 I . 9.76 10.18 -1.03
O2 PO4 I . 10.45 8.09 0.78
O3 PO4 I . 8.22 9.53 1.27
O4 PO4 I . 8.52 8.13 -0.69
P PO4 J . 15.00 -21.64 11.75
O1 PO4 J . 15.15 -21.33 10.24
O2 PO4 J . 16.19 -21.05 12.54
O3 PO4 J . 13.68 -21.05 12.31
O4 PO4 J . 15.00 -23.17 11.96
C1 PEG K . -0.22 9.86 19.51
O1 PEG K . -1.53 9.33 19.60
C2 PEG K . 0.04 10.87 20.57
O2 PEG K . -0.94 11.91 20.45
C3 PEG K . -1.03 12.76 21.60
C4 PEG K . -0.53 14.13 21.29
O4 PEG K . -1.26 15.17 21.94
C13 WKP L . -7.92 33.64 -6.51
C15 WKP L . -8.28 35.50 -8.03
C01 WKP L . -14.95 29.69 -3.62
C03 WKP L . -13.40 31.32 -4.46
C04 WKP L . -13.61 30.99 -5.79
C05 WKP L . -13.08 31.80 -6.79
C06 WKP L . -12.34 32.93 -6.47
C07 WKP L . -12.19 33.27 -5.13
C08 WKP L . -12.71 32.46 -4.13
C09 WKP L . -11.71 33.70 -7.59
C11 WKP L . -10.15 33.88 -7.66
C12 WKP L . -9.41 33.41 -6.38
C16 WKP L . -9.79 35.34 -7.93
N14 WKP L . -7.63 35.05 -6.79
O02 WKP L . -13.82 30.54 -3.42
O10 WKP L . -12.40 34.16 -8.48
CL CL M . 11.62 22.30 2.48
#